data_2EHB
#
_entry.id   2EHB
#
_cell.length_a   44.137
_cell.length_b   57.387
_cell.length_c   141.896
_cell.angle_alpha   90.00
_cell.angle_beta   90.00
_cell.angle_gamma   90.00
#
_symmetry.space_group_name_H-M   'P 21 21 21'
#
loop_
_entity.id
_entity.type
_entity.pdbx_description
1 polymer 'Calcineurin B-like protein 4'
2 polymer 'CBL-interacting serine/threonine-protein kinase 24'
3 non-polymer 'CALCIUM ION'
4 water water
#
loop_
_entity_poly.entity_id
_entity_poly.type
_entity_poly.pdbx_seq_one_letter_code
_entity_poly.pdbx_strand_id
1 'polypeptide(L)'
;MGCSVSKKKKKNAMRPPGYEDPELLASVTPFTVEEVEALYELFKKLSSSIIDDGLIHKEEFQLALFRNRNRRNLFADRIF
DVFDVKRNGVIEFGEFVRSLGVFHPSAPVHEKVKFAFKLYDLRQTGFIEREELKEMVVALLHESELVLSEDMIEVMVDKA
FVQADRKNDGKIDIDEWKDFVSLNPSLIKNMTLPYLKDINRTFPSFV
;
A
2 'polypeptide(L)'
;DEGPLMMNAFEMITLSQGLNLSALFDRRQDFVKRQTRFVSRREPSEIIANIEAVANSMGFKSHTRNFKTRLEGLSSIKAG
QLAVVIEIYEVAPSLFMVDVRKAAGETLEYHKFYKKLCSKLENIIWRATEGIPKSEILRTITF
;
D
#
# COMPACT_ATOMS: atom_id res chain seq x y z
N ASP A 21 0.48 23.03 24.04
CA ASP A 21 -0.01 21.74 23.45
C ASP A 21 0.79 21.34 22.19
N PRO A 22 0.95 22.27 21.23
CA PRO A 22 1.91 21.99 20.15
C PRO A 22 3.33 21.74 20.68
N GLU A 23 3.68 22.37 21.81
CA GLU A 23 4.99 22.19 22.44
C GLU A 23 5.05 20.87 23.19
N LEU A 24 3.95 20.51 23.83
CA LEU A 24 3.83 19.22 24.50
C LEU A 24 3.85 18.08 23.48
N LEU A 25 3.13 18.26 22.37
CA LEU A 25 3.07 17.23 21.34
C LEU A 25 4.44 17.02 20.71
N ALA A 26 5.10 18.12 20.39
CA ALA A 26 6.43 18.09 19.79
C ALA A 26 7.47 17.44 20.69
N SER A 27 7.20 17.40 22.00
CA SER A 27 8.17 16.88 22.97
C SER A 27 8.00 15.38 23.21
N VAL A 28 6.81 14.87 22.93
CA VAL A 28 6.56 13.43 23.04
C VAL A 28 6.68 12.71 21.69
N THR A 29 6.99 13.46 20.63
CA THR A 29 7.14 12.91 19.29
C THR A 29 8.42 13.41 18.61
N PRO A 30 8.87 12.73 17.54
CA PRO A 30 9.99 13.20 16.71
C PRO A 30 9.74 14.52 15.96
N PHE A 31 8.54 15.09 16.13
CA PHE A 31 8.20 16.35 15.46
C PHE A 31 8.68 17.56 16.26
N THR A 32 8.95 18.66 15.57
CA THR A 32 9.20 19.93 16.24
C THR A 32 7.92 20.75 16.28
N VAL A 33 7.88 21.74 17.16
CA VAL A 33 6.79 22.72 17.26
C VAL A 33 6.27 23.18 15.90
N GLU A 34 7.17 23.55 14.99
CA GLU A 34 6.78 24.06 13.68
C GLU A 34 6.11 22.98 12.83
N GLU A 35 6.53 21.73 13.07
CA GLU A 35 5.97 20.58 12.36
C GLU A 35 4.58 20.20 12.89
N VAL A 36 4.42 20.13 14.21
CA VAL A 36 3.09 19.89 14.78
C VAL A 36 2.10 20.93 14.23
N GLU A 37 2.47 22.21 14.23
CA GLU A 37 1.59 23.27 13.74
C GLU A 37 1.27 23.16 12.24
N ALA A 38 2.21 22.62 11.47
CA ALA A 38 1.97 22.32 10.06
C ALA A 38 0.96 21.16 9.91
N LEU A 39 1.08 20.16 10.79
CA LEU A 39 0.17 19.01 10.78
C LEU A 39 -1.23 19.42 11.20
N TYR A 40 -1.34 20.49 12.00
CA TYR A 40 -2.66 20.97 12.39
C TYR A 40 -3.44 21.50 11.22
N GLU A 41 -2.75 22.16 10.30
CA GLU A 41 -3.35 22.61 9.03
C GLU A 41 -3.93 21.45 8.24
N LEU A 42 -3.19 20.34 8.20
CA LEU A 42 -3.65 19.15 7.47
C LEU A 42 -4.85 18.54 8.18
N PHE A 43 -4.75 18.37 9.49
CA PHE A 43 -5.84 17.82 10.30
C PHE A 43 -7.14 18.57 10.09
N LYS A 44 -7.03 19.90 10.02
CA LYS A 44 -8.22 20.75 9.76
C LYS A 44 -8.92 20.40 8.46
N LYS A 45 -8.14 20.14 7.40
CA LYS A 45 -8.64 19.63 6.13
C LYS A 45 -9.34 18.26 6.27
N LEU A 46 -8.62 17.27 6.79
CA LEU A 46 -9.11 15.90 6.92
C LEU A 46 -10.36 15.77 7.82
N SER A 47 -10.38 16.55 8.90
CA SER A 47 -11.40 16.42 9.93
C SER A 47 -12.68 17.23 9.67
N SER A 48 -12.69 18.01 8.59
CA SER A 48 -13.83 18.89 8.32
C SER A 48 -14.59 18.55 7.03
N SER A 49 -14.28 17.40 6.44
CA SER A 49 -14.75 17.11 5.09
C SER A 49 -16.22 16.71 5.03
N ILE A 50 -16.75 16.19 6.14
CA ILE A 50 -18.15 15.70 6.17
C ILE A 50 -18.90 16.34 7.34
N ILE A 51 -18.39 16.17 8.55
CA ILE A 51 -18.90 16.88 9.73
C ILE A 51 -17.76 17.72 10.32
N ASP A 52 -17.94 19.04 10.33
CA ASP A 52 -16.85 19.92 10.72
C ASP A 52 -16.80 20.08 12.25
N ASP A 53 -16.16 19.11 12.91
CA ASP A 53 -16.21 18.98 14.35
C ASP A 53 -14.86 18.86 15.02
N GLY A 54 -13.78 19.05 14.27
CA GLY A 54 -12.42 18.86 14.79
C GLY A 54 -12.06 17.42 15.12
N LEU A 55 -12.83 16.47 14.57
CA LEU A 55 -12.55 15.03 14.66
C LEU A 55 -12.63 14.39 13.28
N ILE A 56 -11.91 13.30 13.10
CA ILE A 56 -11.98 12.46 11.88
C ILE A 56 -12.77 11.18 12.21
N HIS A 57 -13.92 10.97 11.57
CA HIS A 57 -14.66 9.69 11.71
C HIS A 57 -14.40 8.76 10.51
N LYS A 58 -14.82 7.51 10.63
CA LYS A 58 -14.51 6.51 9.59
C LYS A 58 -14.73 7.03 8.17
N GLU A 59 -15.83 7.73 7.94
CA GLU A 59 -16.14 8.13 6.54
C GLU A 59 -15.20 9.24 6.01
N GLU A 60 -14.82 10.13 6.90
CA GLU A 60 -13.84 11.15 6.54
C GLU A 60 -12.50 10.52 6.22
N PHE A 61 -12.18 9.42 6.90
CA PHE A 61 -10.91 8.73 6.70
C PHE A 61 -10.88 7.96 5.39
N GLN A 62 -11.99 7.26 5.10
CA GLN A 62 -12.17 6.60 3.80
C GLN A 62 -12.10 7.60 2.65
N LEU A 63 -12.57 8.82 2.87
CA LEU A 63 -12.57 9.84 1.84
C LEU A 63 -11.17 10.34 1.55
N ALA A 64 -10.37 10.50 2.59
CA ALA A 64 -8.99 10.96 2.44
C ALA A 64 -8.09 9.92 1.77
N LEU A 65 -8.32 8.65 2.08
CA LEU A 65 -7.52 7.56 1.52
C LEU A 65 -7.98 7.08 0.14
N PHE A 66 -9.29 7.05 -0.08
CA PHE A 66 -9.81 6.41 -1.29
C PHE A 66 -10.50 7.38 -2.22
N ARG A 67 -10.70 8.62 -1.77
CA ARG A 67 -11.59 9.58 -2.48
C ARG A 67 -12.98 9.00 -2.74
N ASN A 68 -13.42 8.18 -1.80
CA ASN A 68 -14.76 7.63 -1.81
C ASN A 68 -15.11 7.36 -0.36
N ARG A 69 -15.96 8.23 0.20
CA ARG A 69 -16.35 8.17 1.60
C ARG A 69 -17.00 6.85 2.00
N ASN A 70 -17.60 6.16 1.01
CA ASN A 70 -18.29 4.90 1.27
C ASN A 70 -17.47 3.64 0.97
N ARG A 71 -16.17 3.81 0.67
CA ARG A 71 -15.36 2.61 0.41
C ARG A 71 -14.73 2.03 1.70
N ARG A 72 -15.24 0.84 2.06
CA ARG A 72 -14.83 0.03 3.18
C ARG A 72 -13.62 -0.82 2.80
N ASN A 73 -12.67 -0.96 3.71
CA ASN A 73 -11.43 -1.68 3.43
C ASN A 73 -10.81 -2.13 4.76
N LEU A 74 -10.34 -3.38 4.81
CA LEU A 74 -9.90 -4.01 6.07
C LEU A 74 -8.69 -3.29 6.63
N PHE A 75 -7.77 -2.97 5.74
CA PHE A 75 -6.52 -2.33 6.15
C PHE A 75 -6.73 -0.90 6.63
N ALA A 76 -7.60 -0.13 5.96
CA ALA A 76 -7.96 1.20 6.46
C ALA A 76 -8.65 1.14 7.83
N ASP A 77 -9.59 0.20 7.99
CA ASP A 77 -10.20 -0.08 9.31
C ASP A 77 -9.17 -0.39 10.38
N ARG A 78 -8.17 -1.19 10.03
CA ARG A 78 -7.11 -1.54 10.98
C ARG A 78 -6.27 -0.29 11.31
N ILE A 79 -5.87 0.49 10.30
CA ILE A 79 -5.09 1.75 10.56
C ILE A 79 -5.86 2.72 11.46
N PHE A 80 -7.12 2.96 11.09
CA PHE A 80 -8.05 3.81 11.85
C PHE A 80 -8.12 3.35 13.30
N ASP A 81 -8.34 2.05 13.49
CA ASP A 81 -8.49 1.47 14.84
C ASP A 81 -7.26 1.66 15.71
N VAL A 82 -6.09 1.59 15.12
CA VAL A 82 -4.82 1.73 15.84
C VAL A 82 -4.52 3.19 16.14
N PHE A 83 -4.88 4.08 15.22
CA PHE A 83 -4.83 5.51 15.45
C PHE A 83 -5.73 5.93 16.61
N ASP A 84 -6.91 5.33 16.69
CA ASP A 84 -7.87 5.62 17.73
C ASP A 84 -7.41 4.99 19.05
N VAL A 85 -6.41 5.61 19.68
CA VAL A 85 -5.93 5.12 20.97
C VAL A 85 -6.94 5.28 22.11
N LYS A 86 -7.83 6.26 22.01
CA LYS A 86 -8.83 6.41 23.08
C LYS A 86 -10.03 5.47 22.95
N ARG A 87 -10.01 4.64 21.90
CA ARG A 87 -11.13 3.75 21.56
C ARG A 87 -12.54 4.40 21.62
N ASN A 88 -12.64 5.59 21.00
CA ASN A 88 -13.88 6.40 21.00
C ASN A 88 -14.52 6.57 19.62
N GLY A 89 -13.99 5.84 18.64
CA GLY A 89 -14.56 5.83 17.31
C GLY A 89 -14.11 6.94 16.40
N VAL A 90 -13.15 7.77 16.83
CA VAL A 90 -12.71 8.92 16.06
C VAL A 90 -11.20 9.19 16.28
N ILE A 91 -10.60 9.98 15.40
CA ILE A 91 -9.22 10.38 15.53
C ILE A 91 -9.19 11.88 15.81
N GLU A 92 -8.83 12.22 17.04
CA GLU A 92 -8.60 13.60 17.48
C GLU A 92 -7.19 14.00 17.06
N PHE A 93 -6.87 15.30 17.12
CA PHE A 93 -5.56 15.81 16.66
C PHE A 93 -4.38 15.22 17.46
N GLY A 94 -4.52 15.15 18.77
CA GLY A 94 -3.58 14.40 19.61
C GLY A 94 -3.32 12.95 19.19
N GLU A 95 -4.40 12.19 18.95
CA GLU A 95 -4.31 10.80 18.49
C GLU A 95 -3.59 10.84 17.13
N PHE A 96 -3.98 11.78 16.30
CA PHE A 96 -3.43 11.90 14.95
C PHE A 96 -1.91 12.10 14.98
N VAL A 97 -1.44 13.02 15.80
CA VAL A 97 0.00 13.37 15.84
C VAL A 97 0.86 12.29 16.50
N ARG A 98 0.39 11.75 17.63
CA ARG A 98 1.11 10.68 18.32
C ARG A 98 1.37 9.44 17.43
N SER A 99 0.34 9.01 16.71
CA SER A 99 0.45 7.88 15.80
C SER A 99 1.31 8.16 14.56
N LEU A 100 1.19 9.35 13.97
CA LEU A 100 2.01 9.71 12.81
C LEU A 100 3.50 9.83 13.16
N GLY A 101 3.78 10.16 14.41
CA GLY A 101 5.15 10.20 14.91
C GLY A 101 5.89 8.90 14.69
N VAL A 102 5.14 7.80 14.64
CA VAL A 102 5.69 6.48 14.37
C VAL A 102 6.13 6.34 12.91
N PHE A 103 5.49 7.07 12.00
CA PHE A 103 5.87 7.02 10.58
C PHE A 103 7.03 7.96 10.18
N HIS A 104 7.51 8.77 11.14
CA HIS A 104 8.61 9.70 10.90
C HIS A 104 9.90 8.92 10.61
N PRO A 105 10.68 9.35 9.60
CA PRO A 105 11.95 8.70 9.25
C PRO A 105 12.83 8.40 10.45
N SER A 106 12.71 9.20 11.51
CA SER A 106 13.59 9.10 12.67
C SER A 106 13.01 8.35 13.87
N ALA A 107 11.79 7.82 13.73
CA ALA A 107 11.20 7.01 14.80
C ALA A 107 12.03 5.74 14.95
N PRO A 108 12.19 5.24 16.19
CA PRO A 108 12.93 3.98 16.38
C PRO A 108 12.25 2.81 15.63
N VAL A 109 13.05 1.98 14.96
CA VAL A 109 12.50 0.97 14.05
C VAL A 109 11.63 -0.04 14.78
N HIS A 110 11.94 -0.29 16.05
CA HIS A 110 11.16 -1.24 16.83
C HIS A 110 9.72 -0.77 17.10
N GLU A 111 9.53 0.54 17.20
CA GLU A 111 8.19 1.10 17.28
C GLU A 111 7.42 0.80 16.00
N LYS A 112 8.08 0.98 14.85
CA LYS A 112 7.52 0.67 13.52
C LYS A 112 7.09 -0.79 13.39
N VAL A 113 8.00 -1.68 13.77
CA VAL A 113 7.77 -3.13 13.86
C VAL A 113 6.54 -3.49 14.73
N LYS A 114 6.41 -2.88 15.91
CA LYS A 114 5.29 -3.26 16.77
C LYS A 114 3.92 -2.66 16.35
N PHE A 115 3.95 -1.51 15.67
CA PHE A 115 2.78 -0.90 15.06
C PHE A 115 2.21 -1.79 13.95
N ALA A 116 3.06 -2.27 13.05
CA ALA A 116 2.63 -3.22 12.01
C ALA A 116 2.03 -4.51 12.58
N PHE A 117 2.68 -5.03 13.59
CA PHE A 117 2.20 -6.20 14.36
C PHE A 117 0.76 -6.00 14.90
N LYS A 118 0.56 -4.88 15.56
CA LYS A 118 -0.77 -4.45 16.02
C LYS A 118 -1.81 -4.36 14.89
N LEU A 119 -1.40 -3.89 13.70
CA LEU A 119 -2.32 -3.82 12.53
C LEU A 119 -2.76 -5.19 12.08
N TYR A 120 -1.80 -6.10 11.98
CA TYR A 120 -2.05 -7.43 11.47
C TYR A 120 -2.72 -8.38 12.46
N ASP A 121 -2.58 -8.10 13.76
CA ASP A 121 -3.36 -8.81 14.78
C ASP A 121 -4.82 -8.32 14.73
N LEU A 122 -5.54 -8.82 13.72
CA LEU A 122 -6.86 -8.31 13.38
C LEU A 122 -7.80 -8.19 14.56
N ARG A 123 -7.84 -9.21 15.41
CA ARG A 123 -8.86 -9.26 16.47
C ARG A 123 -8.27 -9.22 17.87
N GLN A 124 -7.17 -8.50 18.00
CA GLN A 124 -6.43 -8.34 19.27
C GLN A 124 -6.23 -9.65 19.99
N THR A 125 -5.71 -10.66 19.31
CA THR A 125 -5.49 -11.95 19.97
C THR A 125 -4.15 -12.01 20.69
N GLY A 126 -3.30 -10.98 20.47
CA GLY A 126 -1.93 -10.97 20.97
C GLY A 126 -0.92 -11.65 20.06
N PHE A 127 -1.41 -12.29 18.99
CA PHE A 127 -0.60 -12.94 17.96
C PHE A 127 -1.14 -12.59 16.57
N ILE A 128 -0.36 -12.84 15.53
CA ILE A 128 -0.88 -12.82 14.18
C ILE A 128 -1.30 -14.26 13.90
N GLU A 129 -2.61 -14.51 13.94
CA GLU A 129 -3.13 -15.85 13.73
C GLU A 129 -3.04 -16.23 12.27
N ARG A 130 -2.99 -17.53 12.00
CA ARG A 130 -2.90 -17.97 10.62
C ARG A 130 -4.12 -17.52 9.82
N GLU A 131 -5.31 -17.61 10.42
CA GLU A 131 -6.52 -17.16 9.76
C GLU A 131 -6.58 -15.63 9.64
N GLU A 132 -5.79 -14.93 10.44
CA GLU A 132 -5.70 -13.46 10.31
C GLU A 132 -4.85 -13.13 9.09
N LEU A 133 -3.70 -13.78 8.91
CA LEU A 133 -2.97 -13.66 7.64
C LEU A 133 -3.87 -14.00 6.43
N LYS A 134 -4.59 -15.11 6.49
CA LYS A 134 -5.46 -15.50 5.38
C LYS A 134 -6.50 -14.43 5.04
N GLU A 135 -7.18 -13.91 6.06
CA GLU A 135 -8.18 -12.86 5.83
C GLU A 135 -7.57 -11.63 5.17
N MET A 136 -6.38 -11.24 5.62
CA MET A 136 -5.65 -10.13 4.96
C MET A 136 -5.33 -10.39 3.49
N VAL A 137 -4.82 -11.58 3.18
CA VAL A 137 -4.50 -11.95 1.83
C VAL A 137 -5.74 -11.91 0.94
N VAL A 138 -6.86 -12.45 1.42
CA VAL A 138 -8.15 -12.40 0.67
C VAL A 138 -8.60 -10.95 0.45
N ALA A 139 -8.44 -10.09 1.46
CA ALA A 139 -8.87 -8.68 1.35
C ALA A 139 -8.02 -7.94 0.31
N LEU A 140 -6.71 -8.21 0.30
CA LEU A 140 -5.79 -7.63 -0.67
C LEU A 140 -6.17 -7.99 -2.10
N LEU A 141 -6.50 -9.25 -2.30
CA LEU A 141 -6.95 -9.74 -3.60
C LEU A 141 -8.24 -9.06 -3.98
N HIS A 142 -9.18 -9.01 -3.04
CA HIS A 142 -10.49 -8.39 -3.27
C HIS A 142 -10.30 -6.93 -3.63
N GLU A 143 -9.58 -6.22 -2.78
CA GLU A 143 -9.21 -4.84 -3.07
C GLU A 143 -8.67 -4.67 -4.49
N SER A 144 -7.77 -5.55 -4.93
CA SER A 144 -7.14 -5.43 -6.25
C SER A 144 -8.00 -5.93 -7.41
N GLU A 145 -9.16 -6.51 -7.07
CA GLU A 145 -10.06 -7.12 -8.06
C GLU A 145 -9.37 -8.29 -8.77
N LEU A 146 -8.68 -9.12 -7.99
CA LEU A 146 -8.05 -10.33 -8.46
C LEU A 146 -8.82 -11.54 -7.99
N VAL A 147 -8.93 -12.55 -8.84
CA VAL A 147 -9.77 -13.70 -8.52
C VAL A 147 -8.89 -14.95 -8.54
N LEU A 148 -8.73 -15.56 -7.35
CA LEU A 148 -7.88 -16.76 -7.16
C LEU A 148 -8.62 -17.82 -6.36
N SER A 149 -8.28 -19.09 -6.63
CA SER A 149 -8.90 -20.23 -5.94
C SER A 149 -8.44 -20.39 -4.50
N GLU A 150 -9.25 -21.12 -3.72
CA GLU A 150 -8.93 -21.39 -2.33
C GLU A 150 -7.58 -22.08 -2.18
N ASP A 151 -7.31 -23.04 -3.05
CA ASP A 151 -6.04 -23.77 -3.06
C ASP A 151 -4.82 -22.86 -3.28
N MET A 152 -4.95 -21.90 -4.18
CA MET A 152 -3.86 -20.99 -4.51
C MET A 152 -3.53 -20.06 -3.35
N ILE A 153 -4.58 -19.52 -2.73
CA ILE A 153 -4.48 -18.67 -1.54
C ILE A 153 -3.80 -19.37 -0.34
N GLU A 154 -4.20 -20.64 -0.10
CA GLU A 154 -3.54 -21.53 0.86
C GLU A 154 -2.03 -21.68 0.69
N VAL A 155 -1.58 -21.88 -0.56
CA VAL A 155 -0.16 -22.01 -0.84
C VAL A 155 0.57 -20.74 -0.43
N MET A 156 -0.03 -19.60 -0.78
CA MET A 156 0.52 -18.30 -0.48
C MET A 156 0.59 -18.04 1.03
N VAL A 157 -0.50 -18.34 1.73
CA VAL A 157 -0.58 -18.16 3.20
C VAL A 157 0.43 -19.07 3.91
N ASP A 158 0.42 -20.34 3.52
CA ASP A 158 1.27 -21.34 4.14
C ASP A 158 2.75 -21.01 4.05
N LYS A 159 3.21 -20.55 2.89
CA LYS A 159 4.63 -20.26 2.68
C LYS A 159 5.09 -19.16 3.62
N ALA A 160 4.35 -18.05 3.65
CA ALA A 160 4.66 -16.94 4.53
C ALA A 160 4.58 -17.31 6.02
N PHE A 161 3.51 -18.01 6.39
CA PHE A 161 3.27 -18.34 7.80
C PHE A 161 4.29 -19.31 8.38
N VAL A 162 4.58 -20.40 7.68
CA VAL A 162 5.60 -21.33 8.16
C VAL A 162 6.94 -20.65 8.37
N GLN A 163 7.27 -19.69 7.50
CA GLN A 163 8.54 -18.95 7.61
C GLN A 163 8.62 -17.96 8.80
N ALA A 164 7.50 -17.29 9.08
CA ALA A 164 7.42 -16.36 10.21
C ALA A 164 7.32 -17.12 11.53
N ASP A 165 6.57 -18.23 11.53
CA ASP A 165 6.39 -19.06 12.74
C ASP A 165 7.64 -19.91 13.05
N ARG A 166 8.75 -19.21 13.31
CA ARG A 166 10.03 -19.75 13.81
C ARG A 166 9.93 -20.97 14.72
N LYS A 167 9.21 -20.78 15.82
CA LYS A 167 9.06 -21.78 16.89
C LYS A 167 8.10 -22.91 16.51
N ASN A 168 7.51 -22.88 15.32
CA ASN A 168 6.62 -23.96 14.87
C ASN A 168 5.57 -24.33 15.93
N ASP A 169 4.73 -23.36 16.27
CA ASP A 169 3.68 -23.58 17.26
C ASP A 169 2.27 -23.22 16.75
N GLY A 170 2.17 -22.64 15.56
CA GLY A 170 0.85 -22.34 14.98
C GLY A 170 0.35 -20.93 15.08
N LYS A 171 1.10 -20.04 15.74
CA LYS A 171 0.80 -18.61 15.84
C LYS A 171 2.08 -17.84 15.57
N ILE A 172 1.95 -16.55 15.24
CA ILE A 172 3.13 -15.68 15.13
C ILE A 172 3.14 -14.66 16.28
N ASP A 173 4.23 -14.65 17.05
CA ASP A 173 4.36 -13.75 18.19
C ASP A 173 5.30 -12.58 17.88
N ILE A 174 5.22 -11.53 18.69
CA ILE A 174 6.00 -10.33 18.48
C ILE A 174 7.49 -10.60 18.20
N ASP A 175 8.14 -11.50 18.95
CA ASP A 175 9.59 -11.70 18.77
C ASP A 175 9.91 -12.40 17.45
N GLU A 176 9.08 -13.36 17.08
CA GLU A 176 9.13 -13.99 15.75
C GLU A 176 8.94 -12.99 14.59
N TRP A 177 8.06 -12.02 14.80
CA TRP A 177 7.77 -10.97 13.82
C TRP A 177 8.96 -10.04 13.70
N LYS A 178 9.53 -9.70 14.84
CA LYS A 178 10.69 -8.86 14.87
C LYS A 178 11.82 -9.52 14.07
N ASP A 179 12.07 -10.81 14.26
CA ASP A 179 13.14 -11.51 13.55
C ASP A 179 12.87 -11.64 12.05
N PHE A 180 11.61 -11.95 11.73
CA PHE A 180 11.12 -12.00 10.35
C PHE A 180 11.38 -10.68 9.60
N VAL A 181 11.06 -9.56 10.25
CA VAL A 181 11.28 -8.24 9.66
C VAL A 181 12.78 -7.91 9.55
N SER A 182 13.58 -8.38 10.53
CA SER A 182 15.04 -8.17 10.48
C SER A 182 15.63 -8.92 9.27
N LEU A 183 14.95 -9.96 8.84
CA LEU A 183 15.40 -10.74 7.69
C LEU A 183 14.86 -10.20 6.36
N ASN A 184 13.84 -9.34 6.42
CA ASN A 184 13.28 -8.66 5.25
C ASN A 184 12.75 -7.27 5.63
N PRO A 185 13.65 -6.29 5.78
CA PRO A 185 13.22 -4.99 6.31
C PRO A 185 12.14 -4.29 5.47
N SER A 186 11.99 -4.67 4.20
CA SER A 186 11.00 -4.03 3.35
C SER A 186 9.55 -4.36 3.77
N LEU A 187 9.40 -5.35 4.66
CA LEU A 187 8.06 -5.70 5.20
C LEU A 187 7.40 -4.54 5.94
N ILE A 188 8.20 -3.63 6.48
CA ILE A 188 7.66 -2.43 7.13
C ILE A 188 7.93 -1.14 6.34
N LYS A 189 8.00 -1.26 5.02
CA LYS A 189 8.24 -0.12 4.13
C LYS A 189 7.16 0.98 4.29
N ASN A 190 5.90 0.55 4.42
CA ASN A 190 4.77 1.46 4.67
C ASN A 190 4.86 2.25 5.99
N MET A 191 5.72 1.78 6.89
CA MET A 191 5.85 2.37 8.23
C MET A 191 6.75 3.63 8.29
N THR A 192 7.20 4.09 7.15
CA THR A 192 7.92 5.37 7.07
C THR A 192 7.30 6.27 6.01
N LEU A 193 6.90 7.48 6.40
CA LEU A 193 6.50 8.47 5.42
C LEU A 193 7.66 9.46 5.25
N PRO A 194 8.51 9.23 4.24
CA PRO A 194 9.88 9.79 4.24
C PRO A 194 9.94 11.30 4.00
N TYR A 195 8.79 11.95 4.05
CA TYR A 195 8.68 13.38 3.87
C TYR A 195 7.95 14.06 5.04
N LEU A 196 7.73 13.33 6.13
CA LEU A 196 7.32 13.95 7.40
C LEU A 196 8.43 14.90 7.88
N LYS A 197 9.42 15.08 7.02
CA LYS A 197 10.48 16.04 7.23
C LYS A 197 10.20 17.32 6.44
N ASP A 198 9.49 17.18 5.31
CA ASP A 198 9.19 18.30 4.42
C ASP A 198 7.75 18.84 4.50
N ILE A 199 7.10 18.65 5.64
CA ILE A 199 5.70 19.08 5.80
C ILE A 199 5.51 20.60 5.94
N ASN A 200 6.52 21.29 6.48
CA ASN A 200 6.51 22.75 6.57
C ASN A 200 6.30 23.45 5.21
N ARG A 201 6.99 22.96 4.18
CA ARG A 201 6.96 23.55 2.84
C ARG A 201 5.65 23.25 2.11
N THR A 202 5.07 22.09 2.41
CA THR A 202 3.90 21.54 1.71
C THR A 202 2.81 22.57 1.31
N GLU B 2 17.58 -17.01 -13.64
CA GLU B 2 17.16 -15.64 -13.22
C GLU B 2 15.66 -15.41 -13.43
N GLY B 3 15.01 -14.76 -12.47
CA GLY B 3 13.56 -14.61 -12.46
C GLY B 3 13.10 -13.39 -11.69
N PRO B 4 11.78 -13.14 -11.65
CA PRO B 4 11.27 -11.97 -10.93
C PRO B 4 11.50 -12.13 -9.44
N LEU B 5 11.55 -11.01 -8.75
CA LEU B 5 11.66 -11.02 -7.32
C LEU B 5 10.49 -11.75 -6.67
N MET B 6 10.80 -12.43 -5.57
CA MET B 6 9.86 -13.19 -4.77
C MET B 6 9.10 -12.21 -3.90
N MET B 7 7.77 -12.37 -3.84
CA MET B 7 6.92 -11.56 -2.98
C MET B 7 6.05 -12.49 -2.13
N ASN B 8 6.41 -12.65 -0.86
CA ASN B 8 5.63 -13.52 0.04
C ASN B 8 4.36 -12.79 0.49
N ALA B 9 3.44 -13.50 1.17
CA ALA B 9 2.12 -12.93 1.49
C ALA B 9 2.20 -11.63 2.30
N PHE B 10 3.10 -11.57 3.27
CA PHE B 10 3.29 -10.33 4.04
C PHE B 10 3.77 -9.16 3.19
N GLU B 11 4.52 -9.47 2.13
CA GLU B 11 5.03 -8.42 1.22
C GLU B 11 3.88 -7.95 0.34
N MET B 12 3.08 -8.89 -0.13
CA MET B 12 1.94 -8.58 -0.99
C MET B 12 0.94 -7.64 -0.34
N ILE B 13 0.63 -7.86 0.93
CA ILE B 13 -0.36 -7.04 1.62
C ILE B 13 0.06 -5.57 1.75
N THR B 14 1.37 -5.28 1.72
CA THR B 14 1.88 -3.89 1.77
C THR B 14 1.55 -3.06 0.52
N LEU B 15 1.01 -3.73 -0.50
CA LEU B 15 0.52 -3.09 -1.72
C LEU B 15 -0.81 -2.34 -1.53
N SER B 16 -1.57 -2.69 -0.49
CA SER B 16 -2.90 -2.13 -0.22
C SER B 16 -2.94 -0.62 -0.07
N GLN B 17 -3.94 0.01 -0.70
CA GLN B 17 -4.14 1.45 -0.52
C GLN B 17 -4.63 1.80 0.89
N GLY B 18 -5.02 0.78 1.65
CA GLY B 18 -5.42 0.96 3.04
C GLY B 18 -4.24 1.14 4.00
N LEU B 19 -3.08 0.59 3.64
CA LEU B 19 -1.91 0.55 4.52
C LEU B 19 -0.91 1.66 4.27
N ASN B 20 -1.03 2.32 3.11
CA ASN B 20 -0.09 3.34 2.69
C ASN B 20 -0.75 4.68 2.85
N LEU B 21 -0.22 5.48 3.78
CA LEU B 21 -0.82 6.77 4.15
C LEU B 21 -0.33 7.97 3.35
N SER B 22 0.41 7.74 2.25
CA SER B 22 0.88 8.84 1.38
C SER B 22 -0.29 9.70 0.94
N ALA B 23 -1.42 9.06 0.64
CA ALA B 23 -2.58 9.76 0.07
C ALA B 23 -3.16 10.88 0.95
N LEU B 24 -2.94 10.79 2.26
CA LEU B 24 -3.43 11.84 3.17
C LEU B 24 -2.72 13.16 2.95
N PHE B 25 -1.57 13.12 2.27
CA PHE B 25 -0.69 14.27 2.10
C PHE B 25 -0.77 14.92 0.73
N ASP B 26 -1.53 14.28 -0.17
CA ASP B 26 -1.87 14.83 -1.47
C ASP B 26 -2.42 16.24 -1.34
N ARG B 27 -2.04 17.11 -2.26
CA ARG B 27 -2.68 18.42 -2.33
C ARG B 27 -3.89 18.35 -3.28
N ARG B 28 -3.64 18.10 -4.56
CA ARG B 28 -4.76 17.96 -5.50
C ARG B 28 -5.03 16.48 -5.78
N GLN B 29 -6.26 16.05 -5.48
CA GLN B 29 -6.75 14.78 -6.01
C GLN B 29 -8.20 14.88 -6.48
N ASP B 30 -8.35 14.97 -7.79
CA ASP B 30 -9.67 15.11 -8.40
C ASP B 30 -10.32 13.76 -8.68
N PHE B 31 -9.51 12.70 -8.83
CA PHE B 31 -9.98 11.42 -9.36
C PHE B 31 -9.79 10.22 -8.45
N VAL B 32 -10.61 9.20 -8.68
CA VAL B 32 -10.53 7.91 -8.01
C VAL B 32 -9.55 6.96 -8.73
N LYS B 33 -8.60 6.39 -7.95
CA LYS B 33 -7.67 5.31 -8.35
C LYS B 33 -8.36 4.06 -8.88
N ARG B 34 -8.03 3.66 -10.10
CA ARG B 34 -8.45 2.36 -10.57
C ARG B 34 -7.40 1.34 -10.11
N GLN B 35 -7.79 0.08 -10.03
CA GLN B 35 -6.87 -0.99 -9.68
C GLN B 35 -6.10 -1.32 -10.93
N THR B 36 -4.80 -1.06 -10.94
CA THR B 36 -3.98 -1.35 -12.12
C THR B 36 -2.94 -2.49 -11.89
N ARG B 37 -3.46 -3.71 -11.68
CA ARG B 37 -2.69 -4.91 -11.39
C ARG B 37 -3.40 -6.08 -11.98
N PHE B 38 -2.66 -7.09 -12.43
CA PHE B 38 -3.28 -8.36 -12.78
C PHE B 38 -2.29 -9.49 -12.48
N VAL B 39 -2.81 -10.72 -12.50
CA VAL B 39 -1.96 -11.90 -12.38
C VAL B 39 -1.93 -12.69 -13.71
N SER B 40 -0.87 -13.48 -13.86
CA SER B 40 -0.68 -14.30 -15.05
C SER B 40 0.04 -15.62 -14.71
N ARG B 41 -0.07 -16.60 -15.59
CA ARG B 41 0.70 -17.86 -15.43
C ARG B 41 1.78 -18.10 -16.47
N ARG B 42 1.91 -17.17 -17.43
CA ARG B 42 2.85 -17.32 -18.52
C ARG B 42 4.25 -17.07 -18.00
N GLU B 43 5.24 -17.61 -18.70
CA GLU B 43 6.64 -17.44 -18.31
C GLU B 43 6.96 -15.94 -18.27
N PRO B 44 7.64 -15.49 -17.21
CA PRO B 44 7.99 -14.09 -17.01
C PRO B 44 8.64 -13.36 -18.20
N SER B 45 9.60 -14.01 -18.88
CA SER B 45 10.28 -13.37 -20.02
C SER B 45 9.30 -13.16 -21.17
N GLU B 46 8.31 -14.03 -21.26
CA GLU B 46 7.26 -13.93 -22.22
C GLU B 46 6.25 -12.82 -21.85
N ILE B 47 5.90 -12.70 -20.57
CA ILE B 47 5.08 -11.58 -20.13
C ILE B 47 5.72 -10.27 -20.59
N ILE B 48 7.02 -10.11 -20.29
CA ILE B 48 7.78 -8.90 -20.64
C ILE B 48 7.76 -8.61 -22.14
N ALA B 49 8.04 -9.62 -22.95
CA ALA B 49 8.07 -9.43 -24.40
C ALA B 49 6.72 -8.96 -24.93
N ASN B 50 5.65 -9.58 -24.47
CA ASN B 50 4.27 -9.19 -24.78
C ASN B 50 3.88 -7.76 -24.35
N ILE B 51 4.28 -7.38 -23.14
CA ILE B 51 4.07 -6.02 -22.65
C ILE B 51 4.87 -5.02 -23.50
N GLU B 52 6.12 -5.35 -23.82
CA GLU B 52 6.95 -4.50 -24.69
C GLU B 52 6.34 -4.31 -26.10
N ALA B 53 5.82 -5.40 -26.67
CA ALA B 53 5.20 -5.36 -28.01
C ALA B 53 3.93 -4.47 -28.05
N VAL B 54 3.02 -4.70 -27.12
CA VAL B 54 1.81 -3.90 -27.04
C VAL B 54 2.13 -2.43 -26.82
N ALA B 55 3.04 -2.12 -25.92
CA ALA B 55 3.41 -0.76 -25.59
C ALA B 55 4.00 -0.04 -26.79
N ASN B 56 4.89 -0.73 -27.51
CA ASN B 56 5.46 -0.20 -28.75
C ASN B 56 4.41 0.17 -29.79
N SER B 57 3.45 -0.72 -30.00
CA SER B 57 2.36 -0.44 -30.93
C SER B 57 1.45 0.69 -30.44
N MET B 58 1.48 0.99 -29.13
CA MET B 58 0.66 2.07 -28.55
C MET B 58 1.39 3.43 -28.50
N GLY B 59 2.62 3.45 -28.98
CA GLY B 59 3.40 4.69 -29.03
C GLY B 59 4.21 4.99 -27.80
N PHE B 60 4.78 3.95 -27.19
CA PHE B 60 5.61 4.07 -25.97
C PHE B 60 7.04 3.62 -26.21
N LYS B 61 8.01 4.36 -25.71
CA LYS B 61 9.39 3.89 -25.65
C LYS B 61 9.56 3.04 -24.38
N SER B 62 10.15 1.86 -24.51
CA SER B 62 10.24 0.94 -23.38
C SER B 62 11.68 0.58 -23.08
N HIS B 63 12.03 0.58 -21.79
CA HIS B 63 13.32 0.10 -21.32
C HIS B 63 13.18 -0.89 -20.16
N THR B 64 13.62 -2.11 -20.41
CA THR B 64 13.57 -3.17 -19.38
C THR B 64 14.97 -3.48 -18.80
N ARG B 65 15.05 -3.52 -17.47
CA ARG B 65 16.18 -4.16 -16.81
C ARG B 65 15.82 -5.55 -16.29
N ASN B 66 15.26 -5.67 -15.09
CA ASN B 66 15.11 -7.04 -14.57
C ASN B 66 13.68 -7.38 -14.17
N PHE B 67 12.86 -7.73 -15.17
CA PHE B 67 11.42 -7.90 -14.99
C PHE B 67 10.78 -6.62 -14.44
N LYS B 68 11.51 -5.50 -14.57
CA LYS B 68 10.99 -4.15 -14.36
C LYS B 68 11.11 -3.32 -15.65
N THR B 69 9.98 -2.83 -16.16
CA THR B 69 9.94 -2.04 -17.41
C THR B 69 9.51 -0.61 -17.16
N ARG B 70 10.18 0.32 -17.83
CA ARG B 70 9.83 1.73 -17.81
C ARG B 70 9.29 2.14 -19.19
N LEU B 71 8.04 2.65 -19.22
CA LEU B 71 7.38 3.06 -20.48
C LEU B 71 7.26 4.58 -20.54
N GLU B 72 7.71 5.20 -21.63
CA GLU B 72 7.50 6.63 -21.81
C GLU B 72 6.76 6.95 -23.12
N GLY B 73 5.70 7.74 -23.00
CA GLY B 73 4.89 8.11 -24.15
C GLY B 73 5.66 8.96 -25.15
N LEU B 74 5.53 8.63 -26.43
CA LEU B 74 6.21 9.35 -27.50
C LEU B 74 5.34 10.43 -28.15
N SER B 75 4.09 10.56 -27.68
CA SER B 75 3.17 11.58 -28.20
C SER B 75 3.80 12.96 -28.10
N SER B 76 3.51 13.80 -29.08
CA SER B 76 4.02 15.17 -29.08
C SER B 76 3.10 16.10 -28.26
N ILE B 77 1.96 15.55 -27.84
CA ILE B 77 0.97 16.28 -27.08
C ILE B 77 1.10 15.94 -25.60
N LYS B 78 1.19 16.96 -24.75
CA LYS B 78 1.57 16.80 -23.34
C LYS B 78 0.76 15.79 -22.56
N ALA B 79 -0.57 15.86 -22.66
CA ALA B 79 -1.44 14.89 -21.99
C ALA B 79 -1.11 13.45 -22.34
N GLY B 80 -0.51 13.22 -23.51
CA GLY B 80 -0.10 11.87 -23.90
C GLY B 80 1.29 11.49 -23.43
N GLN B 81 2.00 12.44 -22.79
CA GLN B 81 3.36 12.20 -22.27
C GLN B 81 3.39 11.50 -20.90
N LEU B 82 2.78 10.32 -20.88
CA LEU B 82 2.59 9.45 -19.73
C LEU B 82 3.89 8.71 -19.45
N ALA B 83 4.28 8.59 -18.17
CA ALA B 83 5.35 7.67 -17.81
C ALA B 83 4.77 6.59 -16.92
N VAL B 84 5.22 5.36 -17.14
CA VAL B 84 4.64 4.19 -16.47
C VAL B 84 5.76 3.21 -16.11
N VAL B 85 5.73 2.70 -14.88
CA VAL B 85 6.60 1.57 -14.57
C VAL B 85 5.83 0.30 -14.26
N ILE B 86 6.36 -0.82 -14.74
CA ILE B 86 5.71 -2.11 -14.59
C ILE B 86 6.74 -3.05 -13.98
N GLU B 87 6.35 -3.74 -12.91
CA GLU B 87 7.19 -4.81 -12.33
C GLU B 87 6.42 -6.09 -12.13
N ILE B 88 7.12 -7.19 -12.33
CA ILE B 88 6.58 -8.54 -12.16
C ILE B 88 7.19 -9.12 -10.90
N TYR B 89 6.34 -9.77 -10.10
CA TYR B 89 6.76 -10.46 -8.89
C TYR B 89 6.18 -11.87 -8.91
N GLU B 90 6.94 -12.83 -8.40
CA GLU B 90 6.41 -14.17 -8.22
C GLU B 90 5.70 -14.22 -6.88
N VAL B 91 4.39 -14.44 -6.91
CA VAL B 91 3.63 -14.53 -5.68
C VAL B 91 3.40 -15.96 -5.24
N ALA B 92 3.61 -16.90 -6.16
CA ALA B 92 3.51 -18.34 -5.93
C ALA B 92 4.22 -19.04 -7.09
N PRO B 93 4.70 -20.28 -6.91
CA PRO B 93 5.53 -20.95 -7.92
C PRO B 93 5.11 -20.88 -9.40
N SER B 94 3.84 -20.86 -9.75
CA SER B 94 3.60 -20.51 -11.17
C SER B 94 2.73 -19.27 -11.36
N LEU B 95 2.69 -18.40 -10.37
CA LEU B 95 1.78 -17.27 -10.36
C LEU B 95 2.56 -15.97 -10.19
N PHE B 96 2.40 -15.08 -11.17
CA PHE B 96 3.13 -13.83 -11.22
C PHE B 96 2.19 -12.66 -11.20
N MET B 97 2.47 -11.69 -10.35
CA MET B 97 1.70 -10.48 -10.36
C MET B 97 2.41 -9.42 -11.18
N VAL B 98 1.66 -8.77 -12.06
CA VAL B 98 2.16 -7.63 -12.81
C VAL B 98 1.53 -6.37 -12.23
N ASP B 99 2.39 -5.55 -11.62
CA ASP B 99 1.98 -4.33 -10.97
C ASP B 99 2.33 -3.16 -11.88
N VAL B 100 1.31 -2.43 -12.31
CA VAL B 100 1.49 -1.27 -13.18
C VAL B 100 1.32 0.03 -12.37
N ARG B 101 2.29 0.94 -12.50
CA ARG B 101 2.28 2.20 -11.75
C ARG B 101 2.54 3.42 -12.64
N LYS B 102 1.90 4.54 -12.31
CA LYS B 102 2.11 5.79 -13.00
C LYS B 102 3.29 6.53 -12.36
N ALA B 103 4.36 6.75 -13.14
CA ALA B 103 5.50 7.56 -12.68
C ALA B 103 5.26 9.03 -12.96
N ALA B 104 4.53 9.33 -14.04
CA ALA B 104 4.25 10.73 -14.41
C ALA B 104 3.13 10.83 -15.42
N GLY B 105 2.41 11.94 -15.40
CA GLY B 105 1.36 12.20 -16.36
C GLY B 105 -0.02 12.28 -15.73
N GLU B 106 -1.02 12.41 -16.58
CA GLU B 106 -2.36 12.63 -16.12
C GLU B 106 -3.06 11.32 -15.77
N THR B 107 -3.78 11.32 -14.65
CA THR B 107 -4.50 10.14 -14.13
C THR B 107 -5.51 9.56 -15.15
N LEU B 108 -6.34 10.42 -15.74
CA LEU B 108 -7.34 9.99 -16.69
C LEU B 108 -6.73 9.39 -17.97
N GLU B 109 -5.55 9.88 -18.35
CA GLU B 109 -4.85 9.36 -19.53
C GLU B 109 -4.25 8.01 -19.12
N TYR B 110 -3.73 7.95 -17.90
CA TYR B 110 -3.20 6.71 -17.36
C TYR B 110 -4.26 5.60 -17.32
N HIS B 111 -5.46 5.93 -16.86
CA HIS B 111 -6.53 4.94 -16.81
C HIS B 111 -6.92 4.44 -18.19
N LYS B 112 -6.93 5.35 -19.15
CA LYS B 112 -7.24 5.03 -20.54
C LYS B 112 -6.18 4.06 -21.10
N PHE B 113 -4.91 4.39 -20.87
CA PHE B 113 -3.76 3.54 -21.17
C PHE B 113 -3.89 2.13 -20.60
N TYR B 114 -4.14 2.03 -19.30
CA TYR B 114 -4.20 0.72 -18.64
C TYR B 114 -5.32 -0.16 -19.22
N LYS B 115 -6.50 0.44 -19.44
CA LYS B 115 -7.61 -0.26 -20.08
C LYS B 115 -7.23 -0.83 -21.46
N LYS B 116 -6.60 0.01 -22.29
CA LYS B 116 -6.17 -0.38 -23.62
C LYS B 116 -5.09 -1.47 -23.56
N LEU B 117 -4.08 -1.29 -22.71
CA LEU B 117 -3.05 -2.30 -22.47
C LEU B 117 -3.68 -3.69 -22.22
N CYS B 118 -4.52 -3.78 -21.19
CA CYS B 118 -5.16 -5.04 -20.78
C CYS B 118 -6.02 -5.72 -21.85
N SER B 119 -6.64 -4.92 -22.72
CA SER B 119 -7.47 -5.46 -23.81
C SER B 119 -6.62 -6.11 -24.89
N LYS B 120 -5.40 -5.62 -25.03
CA LYS B 120 -4.41 -6.19 -25.93
C LYS B 120 -3.73 -7.45 -25.36
N LEU B 121 -3.82 -7.63 -24.05
CA LEU B 121 -3.09 -8.70 -23.35
C LEU B 121 -4.04 -9.70 -22.69
N GLU B 122 -5.29 -9.71 -23.12
CA GLU B 122 -6.34 -10.50 -22.44
C GLU B 122 -5.98 -12.00 -22.41
N ASN B 123 -5.13 -12.41 -23.34
CA ASN B 123 -4.62 -13.78 -23.38
C ASN B 123 -3.74 -14.16 -22.17
N ILE B 124 -2.79 -13.29 -21.79
CA ILE B 124 -1.87 -13.59 -20.69
C ILE B 124 -2.46 -13.44 -19.28
N ILE B 125 -3.60 -12.75 -19.19
CA ILE B 125 -4.25 -12.46 -17.92
C ILE B 125 -4.96 -13.70 -17.42
N TRP B 126 -4.74 -14.03 -16.15
CA TRP B 126 -5.24 -15.27 -15.56
C TRP B 126 -6.54 -15.06 -14.78
N ARG B 127 -7.48 -16.00 -14.94
CA ARG B 127 -8.88 -15.93 -14.45
C ARG B 127 -9.19 -14.87 -13.39
#